data_3BRD
#
_entry.id   3BRD
#
_cell.length_a   60.153
_cell.length_b   98.866
_cell.length_c   126.313
_cell.angle_alpha   90.000
_cell.angle_beta   90.000
_cell.angle_gamma   90.000
#
_symmetry.space_group_name_H-M   'P 21 21 21'
#
loop_
_entity.id
_entity.type
_entity.pdbx_description
1 polymer "DNA (5'-D(*DTP*DTP*DAP*DCP*DTP*DGP*DTP*DGP*DGP*DGP*DAP*DAP*DAP*DGP*DA)-3')"
2 polymer "DNA (5'-D(*DAP*DAP*DTP*DCP*DTP*DTP*DTP*DCP*DCP*DCP*DAP*DCP*DAP*DGP*DT)-3')"
3 polymer 'Lin-12 and glp-1 phenotype protein 1, isoform a'
4 polymer 'Protein lin-12'
5 non-polymer 1,2-ETHANEDIOL
6 water water
#
loop_
_entity_poly.entity_id
_entity_poly.type
_entity_poly.pdbx_seq_one_letter_code
_entity_poly.pdbx_strand_id
1 'polydeoxyribonucleotide' (DT)(DT)(DA)(DC)(DT)(DG)(DT)(DG)(DG)(DG)(DA)(DA)(DA)(DG)(DA) B
2 'polydeoxyribonucleotide' (DA)(DA)(DT)(DC)(DT)(DT)(DT)(DC)(DC)(DC)(DA)(DC)(DA)(DG)(DT) C
3 'polypeptide(L)'
;GPLGSGDSVQSLTSDRMIDFLSNKEKYECVISIFHAKVAQKSYGNEKRFFCPPPCIYLIGQGWKLKKDRVAQLYKTLKAS
AQKDAAIENDPIHEQQATELVAYIGIGSDTSERQQLDFSTGKVRHPGDQRQDPNIYDYCAAKTLYISDSDKRKYFDLNAQ
FFYGCGMEIGGFVSQRIKVISKPSKKKQSMKNTDCKYLCIASGTKVALFNRLRSQTVSTRYLHVEGNAFHASSTKWGAFT
IHLFDDERGLQETDNFAVRDGFVYYGSVVKLVDSVTGIALPRLRIRKVDKQQVILDASCSEEPVSQLHKCAFQMIDNELV
YLCLSHDKIIQHQATAINEHRHQINDGAAWTIISTDKAEYRFFEAMGQVANPISPCPVVGSLEVDGHGEASRVELHGRDF
KPNLKVWFGATPVETTFRSEESLHCSIPPVSQVRNEQTHWMFTNRTTGDVEVPISLVRDDGVVYSSGLTFSYKSLER
;
A
4 'polypeptide(L)' SPGNRTRKRRMINASVWMPPMENEEKNRK D
#
loop_
_chem_comp.id
_chem_comp.type
_chem_comp.name
_chem_comp.formula
DA DNA linking 2'-DEOXYADENOSINE-5'-MONOPHOSPHATE 'C10 H14 N5 O6 P'
DC DNA linking 2'-DEOXYCYTIDINE-5'-MONOPHOSPHATE 'C9 H14 N3 O7 P'
DG DNA linking 2'-DEOXYGUANOSINE-5'-MONOPHOSPHATE 'C10 H14 N5 O7 P'
DT DNA linking THYMIDINE-5'-MONOPHOSPHATE 'C10 H15 N2 O8 P'
EDO non-polymer 1,2-ETHANEDIOL 'C2 H6 O2'
#
# COMPACT_ATOMS: atom_id res chain seq x y z
N VAL C 9 19.64 6.52 -29.75
CA VAL C 9 20.43 6.67 -28.49
C VAL C 9 19.52 6.49 -27.28
N GLN C 10 18.19 6.56 -27.53
CA GLN C 10 17.18 6.26 -26.50
C GLN C 10 17.12 7.30 -25.35
N SER C 11 17.82 8.42 -25.51
CA SER C 11 17.72 9.57 -24.59
C SER C 11 16.33 10.21 -24.64
N LEU C 12 15.75 10.51 -23.48
CA LEU C 12 14.44 11.15 -23.42
C LEU C 12 14.47 12.53 -24.11
N THR C 13 13.44 12.81 -24.91
CA THR C 13 13.27 14.12 -25.55
C THR C 13 12.18 14.85 -24.76
N SER C 14 12.26 16.17 -24.76
CA SER C 14 11.27 17.07 -24.18
C SER C 14 9.85 16.86 -24.72
N ASP C 15 9.71 16.75 -26.04
CA ASP C 15 8.42 16.44 -26.64
C ASP C 15 7.83 15.13 -26.09
N ARG C 16 8.69 14.12 -25.91
CA ARG C 16 8.22 12.85 -25.36
C ARG C 16 7.92 12.95 -23.88
N MET C 17 8.78 13.62 -23.13
CA MET C 17 8.42 13.91 -21.76
C MET C 17 7.10 14.66 -21.63
N ILE C 18 6.84 15.63 -22.51
CA ILE C 18 5.60 16.40 -22.40
C ILE C 18 4.40 15.49 -22.71
N ASP C 19 4.50 14.68 -23.75
CA ASP C 19 3.44 13.72 -24.03
C ASP C 19 3.18 12.79 -22.84
N PHE C 20 4.25 12.26 -22.25
CA PHE C 20 4.08 11.42 -21.04
C PHE C 20 3.41 12.13 -19.89
N LEU C 21 3.94 13.29 -19.49
CA LEU C 21 3.39 14.01 -18.30
C LEU C 21 1.95 14.45 -18.53
N SER C 22 1.55 14.72 -19.79
CA SER C 22 0.13 15.05 -20.04
C SER C 22 -0.82 13.85 -20.06
N ASN C 23 -0.27 12.63 -20.10
CA ASN C 23 -1.05 11.45 -20.43
C ASN C 23 -0.58 10.29 -19.60
N LYS C 24 -0.26 10.51 -18.33
CA LYS C 24 0.44 9.49 -17.49
C LYS C 24 -0.33 8.18 -17.46
N GLU C 25 -1.66 8.29 -17.36
CA GLU C 25 -2.56 7.15 -17.14
C GLU C 25 -2.62 6.17 -18.28
N LYS C 26 -2.11 6.52 -19.44
CA LYS C 26 -2.06 5.51 -20.49
C LYS C 26 -0.67 4.96 -20.79
N TYR C 27 0.33 5.54 -20.13
CA TYR C 27 1.71 5.10 -20.27
C TYR C 27 2.30 4.45 -19.02
N GLU C 28 2.00 5.00 -17.84
CA GLU C 28 2.80 4.68 -16.63
C GLU C 28 2.47 3.30 -16.05
N CYS C 29 3.48 2.47 -15.83
CA CYS C 29 3.28 1.15 -15.19
C CYS C 29 3.47 1.23 -13.67
N VAL C 30 2.46 0.75 -12.94
CA VAL C 30 2.45 0.75 -11.48
C VAL C 30 2.49 -0.68 -10.92
N ILE C 31 3.31 -0.88 -9.89
CA ILE C 31 3.49 -2.17 -9.20
C ILE C 31 3.31 -1.80 -7.75
N SER C 32 2.27 -2.35 -7.13
CA SER C 32 1.98 -2.06 -5.75
C SER C 32 2.05 -3.36 -4.96
N ILE C 33 2.91 -3.42 -3.97
CA ILE C 33 3.07 -4.59 -3.09
C ILE C 33 2.42 -4.28 -1.73
N PHE C 34 1.49 -5.11 -1.32
CA PHE C 34 0.77 -4.94 -0.05
C PHE C 34 1.07 -6.10 0.90
N HIS C 35 1.15 -5.81 2.20
CA HIS C 35 1.55 -6.85 3.16
C HIS C 35 1.37 -6.31 4.58
N ALA C 36 1.37 -7.22 5.54
CA ALA C 36 1.34 -6.88 6.95
C ALA C 36 2.69 -6.36 7.41
N LYS C 37 2.69 -5.60 8.50
CA LYS C 37 3.86 -4.98 9.06
C LYS C 37 4.60 -5.90 10.03
N VAL C 38 3.93 -6.97 10.46
CA VAL C 38 4.56 -8.00 11.32
C VAL C 38 4.31 -9.42 10.79
N ALA C 39 5.20 -10.36 11.09
CA ALA C 39 4.98 -11.78 10.80
C ALA C 39 5.35 -12.57 12.02
N GLN C 40 4.49 -13.50 12.43
CA GLN C 40 4.85 -14.45 13.46
C GLN C 40 5.77 -15.53 12.89
N LYS C 41 6.85 -15.79 13.60
CA LYS C 41 7.80 -16.82 13.23
C LYS C 41 7.32 -18.27 13.51
N SER C 42 8.00 -19.23 12.86
CA SER C 42 7.72 -20.65 12.88
C SER C 42 8.87 -21.32 13.58
N TYR C 43 8.58 -22.22 14.52
CA TYR C 43 9.60 -22.99 15.21
C TYR C 43 9.65 -24.36 14.63
N GLY C 44 10.83 -24.97 14.63
CA GLY C 44 10.90 -26.39 14.31
C GLY C 44 10.56 -26.52 12.85
N ASN C 45 9.73 -27.51 12.55
CA ASN C 45 9.33 -27.82 11.17
C ASN C 45 8.07 -27.10 10.72
N GLU C 46 7.39 -26.40 11.62
CA GLU C 46 6.08 -25.86 11.31
C GLU C 46 6.13 -24.72 10.26
N LYS C 47 4.98 -24.40 9.66
CA LYS C 47 4.89 -23.29 8.75
C LYS C 47 3.71 -22.46 9.20
N ARG C 48 3.96 -21.24 9.68
CA ARG C 48 2.92 -20.31 10.07
C ARG C 48 2.87 -19.25 8.97
N PHE C 49 1.86 -19.35 8.12
CA PHE C 49 1.79 -18.53 6.90
C PHE C 49 1.54 -17.04 7.15
N PHE C 50 2.19 -16.19 6.37
CA PHE C 50 1.94 -14.74 6.48
C PHE C 50 0.50 -14.50 6.10
N CYS C 51 -0.20 -13.77 6.96
CA CYS C 51 -1.62 -13.46 6.83
C CYS C 51 -1.85 -12.02 7.18
N PRO C 52 -2.55 -11.25 6.32
CA PRO C 52 -3.01 -11.58 4.97
C PRO C 52 -1.83 -11.87 4.06
N PRO C 53 -2.09 -12.56 2.96
CA PRO C 53 -1.03 -12.96 2.08
C PRO C 53 -0.48 -11.77 1.36
N PRO C 54 0.86 -11.60 1.39
CA PRO C 54 1.45 -10.53 0.58
C PRO C 54 0.93 -10.62 -0.85
N CYS C 55 0.54 -9.49 -1.43
CA CYS C 55 0.03 -9.52 -2.80
C CYS C 55 0.56 -8.35 -3.62
N ILE C 56 0.47 -8.50 -4.94
CA ILE C 56 1.00 -7.52 -5.91
C ILE C 56 -0.09 -7.19 -6.93
N TYR C 57 -0.40 -5.89 -7.05
CA TYR C 57 -1.28 -5.36 -8.09
C TYR C 57 -0.43 -4.70 -9.14
N LEU C 58 -0.63 -5.11 -10.38
CA LEU C 58 -0.06 -4.43 -11.57
C LEU C 58 -1.17 -3.57 -12.15
N ILE C 59 -0.98 -2.26 -12.09
CA ILE C 59 -2.02 -1.28 -12.34
C ILE C 59 -1.59 -0.44 -13.55
N GLY C 60 -2.54 -0.09 -14.41
CA GLY C 60 -2.26 0.87 -15.46
C GLY C 60 -2.38 0.28 -16.85
N GLN C 61 -2.88 1.09 -17.77
CA GLN C 61 -2.90 0.70 -19.16
C GLN C 61 -1.53 0.53 -19.78
N GLY C 62 -0.51 1.12 -19.14
CA GLY C 62 0.88 0.92 -19.54
C GLY C 62 1.33 -0.54 -19.58
N TRP C 63 0.74 -1.39 -18.73
CA TRP C 63 1.07 -2.81 -18.75
C TRP C 63 0.68 -3.49 -20.04
N LYS C 64 -0.46 -3.07 -20.60
CA LYS C 64 -0.96 -3.59 -21.87
C LYS C 64 -0.10 -3.11 -23.03
N LEU C 65 0.36 -1.86 -22.97
CA LEU C 65 1.30 -1.33 -23.96
C LEU C 65 2.60 -2.12 -23.91
N LYS C 66 3.08 -2.39 -22.72
CA LYS C 66 4.30 -3.16 -22.51
C LYS C 66 4.19 -4.59 -23.07
N LYS C 67 3.06 -5.25 -22.82
CA LYS C 67 2.76 -6.55 -23.43
C LYS C 67 2.75 -6.42 -24.95
N ASP C 68 2.12 -5.37 -25.46
CA ASP C 68 2.05 -5.11 -26.91
C ASP C 68 3.43 -5.01 -27.57
N ARG C 69 4.34 -4.25 -26.97
CA ARG C 69 5.74 -4.16 -27.43
C ARG C 69 6.45 -5.51 -27.39
N VAL C 70 6.18 -6.29 -26.34
CA VAL C 70 6.78 -7.62 -26.16
C VAL C 70 6.16 -8.58 -27.14
N ALA C 71 4.89 -8.38 -27.46
CA ALA C 71 4.22 -9.18 -28.49
C ALA C 71 4.74 -8.84 -29.88
N GLN C 72 4.85 -7.55 -30.20
CA GLN C 72 5.30 -7.09 -31.53
C GLN C 72 6.80 -7.29 -31.81
N LEU C 73 7.58 -7.53 -30.76
CA LEU C 73 9.02 -7.81 -30.87
C LEU C 73 9.33 -9.30 -30.68
N TYR C 74 8.29 -10.06 -30.33
CA TYR C 74 8.31 -11.52 -30.34
C TYR C 74 8.36 -12.03 -31.77
N LYS C 75 7.69 -11.31 -32.67
CA LYS C 75 7.62 -11.72 -34.07
C LYS C 75 8.76 -11.18 -34.95
N THR C 76 9.44 -10.13 -34.47
CA THR C 76 10.67 -9.65 -35.13
C THR C 76 11.85 -10.56 -34.72
N LEU C 77 12.01 -10.78 -33.42
CA LEU C 77 13.11 -11.56 -32.85
C LEU C 77 12.77 -13.05 -32.84
N GLN C 95 3.66 -17.05 -28.66
CA GLN C 95 2.34 -16.52 -28.37
C GLN C 95 2.17 -16.18 -26.88
N GLN C 96 2.34 -17.18 -26.00
CA GLN C 96 2.15 -17.01 -24.55
C GLN C 96 3.47 -16.80 -23.78
N ALA C 97 4.53 -16.51 -24.53
CA ALA C 97 5.81 -16.10 -23.97
C ALA C 97 5.80 -14.60 -23.65
N THR C 98 4.61 -14.01 -23.70
CA THR C 98 4.38 -12.63 -23.28
C THR C 98 3.53 -12.64 -21.99
N GLU C 99 3.42 -13.83 -21.40
CA GLU C 99 2.76 -14.06 -20.12
C GLU C 99 3.70 -13.72 -18.96
N LEU C 100 3.13 -13.13 -17.89
CA LEU C 100 3.89 -12.76 -16.69
C LEU C 100 4.22 -13.96 -15.79
N VAL C 101 5.48 -13.98 -15.33
CA VAL C 101 5.98 -14.94 -14.36
C VAL C 101 6.63 -14.16 -13.22
N ALA C 102 6.26 -14.48 -11.98
CA ALA C 102 6.80 -13.83 -10.80
C ALA C 102 7.21 -14.83 -9.71
N TYR C 103 8.18 -14.43 -8.89
CA TYR C 103 8.63 -15.17 -7.72
C TYR C 103 8.80 -14.21 -6.56
N ILE C 104 8.75 -14.75 -5.35
CA ILE C 104 8.86 -13.96 -4.16
C ILE C 104 9.61 -14.74 -3.07
N GLY C 105 10.44 -14.05 -2.31
CA GLY C 105 11.11 -14.63 -1.18
C GLY C 105 11.36 -13.59 -0.11
N ILE C 106 11.96 -14.01 0.98
CA ILE C 106 12.11 -13.18 2.16
C ILE C 106 13.57 -12.79 2.37
N GLY C 107 14.30 -12.61 1.28
CA GLY C 107 15.69 -12.15 1.33
C GLY C 107 16.64 -13.03 2.13
N SER C 108 16.27 -14.29 2.29
CA SER C 108 17.12 -15.24 3.03
C SER C 108 17.67 -16.36 2.15
N ASP C 109 18.97 -16.62 2.34
CA ASP C 109 19.69 -17.61 1.54
C ASP C 109 19.43 -19.06 1.97
N THR C 110 18.52 -19.24 2.92
CA THR C 110 18.08 -20.57 3.38
C THR C 110 16.54 -20.70 3.28
N SER C 111 15.94 -19.76 2.57
CA SER C 111 14.50 -19.67 2.39
C SER C 111 14.19 -19.83 0.90
N GLU C 112 13.19 -20.66 0.61
CA GLU C 112 12.83 -20.96 -0.76
C GLU C 112 12.09 -19.78 -1.40
N ARG C 113 12.48 -19.43 -2.63
CA ARG C 113 11.67 -18.50 -3.44
C ARG C 113 10.43 -19.27 -3.86
N GLN C 114 9.28 -18.62 -3.80
CA GLN C 114 8.04 -19.28 -4.19
C GLN C 114 7.46 -18.59 -5.40
N GLN C 115 6.87 -19.38 -6.30
CA GLN C 115 6.23 -18.82 -7.48
C GLN C 115 4.90 -18.17 -7.12
N LEU C 116 4.65 -16.99 -7.67
CA LEU C 116 3.41 -16.30 -7.39
C LEU C 116 2.32 -16.78 -8.35
N ASP C 117 1.07 -16.64 -7.91
CA ASP C 117 -0.08 -17.42 -8.39
C ASP C 117 -0.61 -17.02 -9.78
N PHE C 118 -0.90 -15.72 -9.93
CA PHE C 118 -1.56 -15.10 -11.09
C PHE C 118 -2.89 -15.74 -11.49
N PRO C 133 -10.99 -2.51 -13.67
CA PRO C 133 -10.66 -1.15 -14.10
C PRO C 133 -9.21 -1.05 -14.64
N ASN C 134 -8.41 -0.16 -14.07
CA ASN C 134 -6.97 -0.08 -14.37
C ASN C 134 -6.14 -1.23 -13.80
N ILE C 135 -6.76 -2.15 -13.07
CA ILE C 135 -6.07 -3.37 -12.64
C ILE C 135 -5.72 -4.23 -13.84
N TYR C 136 -4.44 -4.31 -14.16
CA TYR C 136 -3.98 -5.19 -15.21
C TYR C 136 -3.89 -6.65 -14.75
N ASP C 137 -3.24 -6.89 -13.60
CA ASP C 137 -3.07 -8.24 -13.06
C ASP C 137 -2.84 -8.21 -11.55
N TYR C 138 -2.98 -9.39 -10.93
CA TYR C 138 -2.99 -9.52 -9.50
C TYR C 138 -2.37 -10.85 -9.11
N CYS C 139 -1.46 -10.86 -8.15
CA CYS C 139 -1.03 -12.15 -7.58
C CYS C 139 -0.86 -12.09 -6.06
N ALA C 140 -0.97 -13.25 -5.40
CA ALA C 140 -0.82 -13.26 -3.95
C ALA C 140 0.05 -14.44 -3.53
N ALA C 141 0.83 -14.27 -2.47
CA ALA C 141 1.65 -15.35 -1.93
C ALA C 141 1.06 -15.90 -0.62
N LYS C 142 0.41 -17.06 -0.69
CA LYS C 142 -0.41 -17.61 0.39
C LYS C 142 0.32 -18.55 1.34
N THR C 143 1.53 -18.95 0.97
CA THR C 143 2.26 -19.92 1.76
C THR C 143 3.69 -19.49 2.15
N LEU C 144 3.86 -18.20 2.47
CA LEU C 144 5.13 -17.70 2.95
C LEU C 144 5.19 -17.83 4.50
N TYR C 145 6.38 -18.11 4.99
CA TYR C 145 6.63 -18.23 6.41
C TYR C 145 8.10 -17.93 6.67
N ILE C 146 8.43 -17.70 7.92
CA ILE C 146 9.85 -17.49 8.31
C ILE C 146 10.18 -18.36 9.51
N SER C 147 11.23 -19.18 9.42
CA SER C 147 11.66 -20.02 10.53
C SER C 147 12.45 -19.29 11.58
N ASP C 148 12.46 -19.85 12.80
CA ASP C 148 13.25 -19.32 13.93
C ASP C 148 14.76 -19.40 13.69
N SER C 149 15.22 -20.21 12.74
CA SER C 149 16.68 -20.31 12.44
C SER C 149 17.20 -19.03 11.79
N ASP C 150 16.28 -18.25 11.23
CA ASP C 150 16.53 -16.94 10.65
C ASP C 150 16.47 -15.93 11.80
N LYS C 151 17.65 -15.43 12.16
CA LYS C 151 17.85 -14.59 13.33
C LYS C 151 17.63 -13.06 13.14
N ARG C 152 17.12 -12.63 11.99
CA ARG C 152 16.98 -11.19 11.75
C ARG C 152 15.73 -10.69 12.47
N LYS C 153 15.79 -9.50 13.05
CA LYS C 153 14.63 -8.87 13.68
C LYS C 153 13.60 -8.35 12.68
N TYR C 154 14.07 -7.89 11.51
CA TYR C 154 13.24 -7.36 10.41
C TYR C 154 13.63 -8.00 9.08
N PHE C 155 12.69 -8.09 8.17
CA PHE C 155 13.01 -8.53 6.80
C PHE C 155 12.07 -7.80 5.83
N ASP C 156 12.32 -7.96 4.54
CA ASP C 156 11.35 -7.54 3.54
C ASP C 156 11.20 -8.61 2.47
N LEU C 157 10.27 -8.45 1.57
CA LEU C 157 10.02 -9.43 0.52
C LEU C 157 10.57 -8.85 -0.78
N ASN C 158 11.19 -9.68 -1.63
CA ASN C 158 11.63 -9.27 -2.97
C ASN C 158 10.79 -10.06 -3.97
N ALA C 159 10.00 -9.36 -4.77
CA ALA C 159 9.21 -9.96 -5.83
C ALA C 159 9.95 -9.67 -7.13
N GLN C 160 10.29 -10.72 -7.86
CA GLN C 160 10.96 -10.63 -9.12
C GLN C 160 10.01 -11.07 -10.23
N PHE C 161 9.92 -10.23 -11.28
CA PHE C 161 8.99 -10.41 -12.39
C PHE C 161 9.74 -10.64 -13.69
N PHE C 162 9.20 -11.55 -14.48
CA PHE C 162 9.77 -12.02 -15.75
C PHE C 162 8.63 -12.18 -16.74
N TYR C 163 8.98 -12.16 -18.03
CA TYR C 163 8.06 -12.61 -19.07
C TYR C 163 8.36 -14.08 -19.30
N GLY C 164 7.32 -14.84 -19.64
CA GLY C 164 7.45 -16.28 -19.90
C GLY C 164 8.57 -16.72 -20.82
N CYS C 165 9.12 -15.78 -21.60
CA CYS C 165 10.22 -16.07 -22.53
C CYS C 165 11.58 -16.01 -21.85
N GLY C 166 11.61 -15.52 -20.61
CA GLY C 166 12.85 -15.42 -19.82
C GLY C 166 13.34 -14.01 -19.53
N MET C 167 12.85 -13.07 -20.34
CA MET C 167 13.08 -11.63 -20.22
C MET C 167 12.69 -11.08 -18.84
N GLU C 168 13.66 -10.46 -18.17
CA GLU C 168 13.48 -9.99 -16.82
C GLU C 168 12.92 -8.58 -16.79
N ILE C 169 11.87 -8.38 -15.99
CA ILE C 169 11.34 -7.04 -15.75
C ILE C 169 12.06 -6.41 -14.55
N GLY C 170 12.04 -7.09 -13.41
CA GLY C 170 12.90 -6.68 -12.31
C GLY C 170 12.45 -7.15 -10.95
N GLY C 171 13.22 -6.76 -9.95
CA GLY C 171 12.96 -7.09 -8.56
C GLY C 171 12.55 -5.83 -7.83
N PHE C 172 11.51 -5.96 -7.00
CA PHE C 172 10.88 -4.84 -6.31
C PHE C 172 10.71 -5.27 -4.83
N VAL C 173 11.13 -4.44 -3.88
CA VAL C 173 11.02 -4.80 -2.46
C VAL C 173 9.79 -4.22 -1.75
N SER C 174 9.29 -4.97 -0.77
CA SER C 174 8.22 -4.51 0.11
C SER C 174 8.79 -3.50 1.13
N GLN C 175 7.92 -2.94 1.97
CA GLN C 175 8.39 -2.27 3.16
C GLN C 175 8.93 -3.33 4.14
N ARG C 176 9.50 -2.87 5.24
CA ARG C 176 10.07 -3.82 6.18
CA ARG C 176 10.09 -3.74 6.26
C ARG C 176 8.99 -4.41 7.11
N ILE C 177 9.25 -5.64 7.52
CA ILE C 177 8.35 -6.45 8.29
C ILE C 177 9.07 -6.88 9.57
N LYS C 178 8.40 -6.68 10.72
CA LYS C 178 9.00 -7.07 12.00
C LYS C 178 8.60 -8.51 12.36
N VAL C 179 9.59 -9.30 12.75
CA VAL C 179 9.33 -10.69 13.16
C VAL C 179 8.82 -10.72 14.59
N ILE C 180 7.68 -11.36 14.84
CA ILE C 180 7.26 -11.56 16.23
C ILE C 180 7.17 -13.03 16.61
N SER C 181 7.32 -13.31 17.90
CA SER C 181 7.23 -14.69 18.43
C SER C 181 5.77 -15.15 18.56
N LYS C 182 4.89 -14.21 18.88
CA LYS C 182 3.47 -14.47 19.17
C LYS C 182 2.82 -13.13 19.34
N PRO C 183 1.48 -13.07 19.19
CA PRO C 183 0.78 -11.86 19.66
C PRO C 183 1.04 -11.48 21.12
N SER C 184 1.15 -10.18 21.38
CA SER C 184 1.37 -9.64 22.71
C SER C 184 0.14 -9.82 23.59
N LYS C 185 0.41 -10.09 24.88
CA LYS C 185 -0.59 -9.96 25.93
C LYS C 185 -0.14 -9.00 27.03
N LYS C 186 0.17 -7.75 26.67
CA LYS C 186 0.49 -6.70 27.66
C LYS C 186 -0.85 -6.14 28.12
N LYS C 187 -0.88 -5.55 29.32
CA LYS C 187 -2.10 -4.92 29.84
C LYS C 187 -1.99 -3.39 29.94
N THR C 193 9.30 0.08 25.05
CA THR C 193 8.31 -0.49 24.14
C THR C 193 8.22 0.26 22.79
N ASP C 194 8.17 -0.49 21.69
CA ASP C 194 7.96 0.13 20.37
C ASP C 194 6.49 0.01 19.91
N CYS C 195 5.84 1.17 19.86
CA CYS C 195 4.43 1.23 19.50
C CYS C 195 4.22 1.21 17.99
N LYS C 196 5.24 1.66 17.26
CA LYS C 196 5.20 1.82 15.78
C LYS C 196 4.92 0.51 15.04
N TYR C 197 5.26 -0.61 15.68
CA TYR C 197 4.93 -1.91 15.14
C TYR C 197 3.84 -2.65 15.88
N LEU C 198 3.73 -2.46 17.21
CA LEU C 198 2.76 -3.24 17.99
C LEU C 198 1.36 -2.62 18.21
N CYS C 199 1.27 -1.31 18.34
CA CYS C 199 -0.05 -0.69 18.51
C CYS C 199 -0.63 -0.17 17.18
N ILE C 200 -1.86 0.32 17.22
CA ILE C 200 -2.59 0.75 16.03
C ILE C 200 -2.98 2.22 16.22
N ALA C 201 -2.27 3.08 15.49
CA ALA C 201 -2.54 4.50 15.48
C ALA C 201 -3.71 4.86 14.57
N SER C 202 -4.52 5.79 15.04
CA SER C 202 -5.57 6.37 14.24
C SER C 202 -4.96 6.93 12.96
N GLY C 203 -5.53 6.60 11.80
CA GLY C 203 -5.01 7.11 10.51
C GLY C 203 -4.19 6.11 9.72
N THR C 204 -3.84 4.98 10.36
CA THR C 204 -3.02 3.99 9.71
C THR C 204 -3.95 2.91 9.15
N LYS C 205 -3.38 1.98 8.41
CA LYS C 205 -4.15 0.91 7.76
C LYS C 205 -4.08 -0.45 8.47
N VAL C 206 -5.17 -1.19 8.35
CA VAL C 206 -5.30 -2.56 8.91
C VAL C 206 -6.06 -3.47 7.96
N ALA C 207 -5.77 -4.79 8.03
CA ALA C 207 -6.51 -5.85 7.39
C ALA C 207 -7.29 -6.53 8.51
N LEU C 208 -8.49 -7.04 8.19
CA LEU C 208 -9.31 -7.78 9.15
C LEU C 208 -9.70 -9.12 8.55
N PHE C 209 -9.38 -10.20 9.24
CA PHE C 209 -9.79 -11.50 8.76
C PHE C 209 -10.58 -12.41 9.73
N ASN C 210 -11.38 -13.27 9.13
CA ASN C 210 -12.13 -14.25 9.88
C ASN C 210 -11.55 -15.64 9.62
N ARG C 211 -11.37 -16.39 10.68
CA ARG C 211 -10.97 -17.81 10.56
C ARG C 211 -11.74 -18.68 11.58
N LEU C 212 -12.25 -19.82 11.13
CA LEU C 212 -13.07 -20.70 11.98
C LEU C 212 -12.26 -21.88 12.51
N ARG C 213 -12.36 -22.17 13.80
CA ARG C 213 -11.72 -23.36 14.44
C ARG C 213 -10.31 -23.76 13.97
N SER C 214 -9.41 -22.78 13.89
CA SER C 214 -7.97 -22.97 13.56
C SER C 214 -7.73 -23.60 12.18
N GLN C 215 -8.62 -23.30 11.23
CA GLN C 215 -8.60 -23.95 9.90
C GLN C 215 -8.17 -22.98 8.82
N THR C 216 -6.99 -23.21 8.27
CA THR C 216 -6.44 -22.33 7.25
C THR C 216 -7.42 -22.09 6.07
N VAL C 217 -8.04 -23.18 5.63
CA VAL C 217 -8.98 -23.18 4.50
C VAL C 217 -10.19 -22.24 4.70
N SER C 218 -10.54 -21.97 5.95
CA SER C 218 -11.69 -21.16 6.26
C SER C 218 -11.42 -19.63 6.23
N THR C 219 -10.16 -19.22 6.01
CA THR C 219 -9.79 -17.78 6.18
C THR C 219 -10.47 -16.90 5.15
N ARG C 220 -11.20 -15.89 5.59
CA ARG C 220 -11.86 -14.90 4.72
C ARG C 220 -11.46 -13.49 5.17
N TYR C 221 -11.23 -12.59 4.21
CA TYR C 221 -10.70 -11.23 4.46
C TYR C 221 -11.75 -10.20 4.15
N LEU C 222 -12.02 -9.28 5.07
CA LEU C 222 -12.89 -8.15 4.77
C LEU C 222 -12.31 -7.43 3.53
N HIS C 223 -13.16 -7.15 2.55
CA HIS C 223 -12.73 -6.62 1.27
C HIS C 223 -13.90 -5.89 0.64
N VAL C 224 -13.66 -4.74 0.05
CA VAL C 224 -14.75 -4.12 -0.72
C VAL C 224 -14.61 -4.40 -2.21
N GLU C 225 -15.74 -4.79 -2.79
CA GLU C 225 -15.88 -5.15 -4.20
C GLU C 225 -17.29 -4.71 -4.61
N GLY C 226 -17.40 -3.97 -5.72
CA GLY C 226 -18.70 -3.55 -6.22
C GLY C 226 -19.42 -2.57 -5.30
N ASN C 227 -18.66 -1.74 -4.60
CA ASN C 227 -19.20 -0.68 -3.73
C ASN C 227 -19.90 -1.18 -2.46
N ALA C 228 -19.56 -2.41 -2.07
CA ALA C 228 -20.13 -3.09 -0.90
C ALA C 228 -19.03 -3.88 -0.19
N PHE C 229 -19.17 -4.04 1.13
CA PHE C 229 -18.22 -4.84 1.88
C PHE C 229 -18.58 -6.31 1.71
N HIS C 230 -17.57 -7.15 1.58
CA HIS C 230 -17.79 -8.58 1.58
C HIS C 230 -16.56 -9.24 2.14
N ALA C 231 -16.51 -10.56 2.10
CA ALA C 231 -15.37 -11.30 2.61
C ALA C 231 -14.88 -12.27 1.53
N SER C 232 -13.58 -12.25 1.30
CA SER C 232 -13.02 -12.87 0.13
C SER C 232 -11.98 -13.82 0.64
N SER C 233 -11.68 -14.88 -0.11
CA SER C 233 -10.60 -15.76 0.31
C SER C 233 -9.32 -15.51 -0.46
N THR C 234 -9.37 -14.58 -1.41
CA THR C 234 -8.21 -14.29 -2.27
C THR C 234 -7.71 -12.84 -2.17
N LYS C 235 -8.64 -11.93 -1.89
CA LYS C 235 -8.33 -10.52 -1.83
C LYS C 235 -8.68 -9.98 -0.46
N TRP C 236 -7.98 -8.92 -0.06
CA TRP C 236 -8.19 -8.30 1.23
C TRP C 236 -8.07 -6.78 1.11
N GLY C 237 -8.92 -6.08 1.84
CA GLY C 237 -8.89 -4.61 1.85
C GLY C 237 -7.89 -4.15 2.90
N ALA C 238 -7.19 -3.05 2.64
CA ALA C 238 -6.45 -2.32 3.67
C ALA C 238 -7.35 -1.16 4.01
N PHE C 239 -7.75 -1.06 5.26
CA PHE C 239 -8.71 -0.06 5.66
C PHE C 239 -8.02 0.91 6.57
N THR C 240 -8.25 2.20 6.34
CA THR C 240 -7.85 3.22 7.31
C THR C 240 -8.76 3.17 8.51
N ILE C 241 -8.15 3.06 9.68
CA ILE C 241 -8.92 3.03 10.94
C ILE C 241 -8.76 4.34 11.64
N HIS C 242 -9.87 5.06 11.85
CA HIS C 242 -9.85 6.38 12.47
C HIS C 242 -10.60 6.43 13.81
N LEU C 243 -10.04 7.16 14.77
CA LEU C 243 -10.76 7.52 15.97
C LEU C 243 -11.77 8.61 15.61
N PHE C 244 -13.04 8.25 15.66
CA PHE C 244 -14.13 9.19 15.42
C PHE C 244 -14.10 10.33 16.47
N ASP C 245 -14.44 11.56 16.08
CA ASP C 245 -14.52 12.65 17.08
C ASP C 245 -15.84 12.88 17.86
N ASP C 246 -16.87 13.40 17.18
CA ASP C 246 -18.25 13.47 17.75
C ASP C 246 -19.01 14.69 17.25
N GLN C 251 -26.36 8.93 15.49
CA GLN C 251 -26.83 9.39 14.19
C GLN C 251 -25.75 10.07 13.33
N GLU C 252 -25.60 9.56 12.11
CA GLU C 252 -24.33 9.65 11.41
C GLU C 252 -24.35 10.43 10.10
N THR C 253 -23.20 10.45 9.42
CA THR C 253 -22.92 11.43 8.36
C THR C 253 -21.87 10.91 7.38
N ASP C 254 -21.84 11.51 6.19
CA ASP C 254 -20.78 11.23 5.20
C ASP C 254 -19.48 11.95 5.58
N ASN C 255 -19.62 13.16 6.13
CA ASN C 255 -18.47 13.92 6.63
C ASN C 255 -18.32 13.82 8.16
N PHE C 256 -17.14 13.39 8.63
CA PHE C 256 -16.86 13.25 10.06
C PHE C 256 -15.45 13.70 10.45
N ALA C 257 -15.31 14.19 11.69
CA ALA C 257 -14.00 14.60 12.25
C ALA C 257 -13.27 13.44 12.96
N VAL C 258 -11.94 13.46 12.90
CA VAL C 258 -11.12 12.37 13.44
C VAL C 258 -10.02 12.90 14.36
N ARG C 259 -9.46 11.99 15.14
CA ARG C 259 -8.54 12.29 16.24
C ARG C 259 -7.31 11.46 16.00
N ASP C 260 -6.17 11.98 16.40
CA ASP C 260 -4.95 11.19 16.44
C ASP C 260 -4.91 10.38 17.73
N GLY C 261 -4.11 9.33 17.75
CA GLY C 261 -3.95 8.58 18.98
C GLY C 261 -4.06 7.09 18.70
N PHE C 262 -3.72 6.30 19.72
CA PHE C 262 -3.76 4.85 19.60
C PHE C 262 -5.17 4.37 19.83
N VAL C 263 -5.53 3.32 19.11
CA VAL C 263 -6.86 2.73 19.23
C VAL C 263 -6.87 1.78 20.43
N TYR C 264 -7.80 2.01 21.36
CA TYR C 264 -8.01 1.15 22.52
C TYR C 264 -9.31 0.33 22.38
N TYR C 265 -9.44 -0.78 23.13
CA TYR C 265 -10.71 -1.46 23.15
C TYR C 265 -11.78 -0.54 23.74
N GLY C 266 -12.95 -0.57 23.15
CA GLY C 266 -14.01 0.32 23.63
C GLY C 266 -14.00 1.64 22.88
N SER C 267 -13.05 1.81 21.96
CA SER C 267 -12.94 3.03 21.11
C SER C 267 -13.92 2.96 19.94
N VAL C 268 -14.57 4.10 19.67
CA VAL C 268 -15.37 4.29 18.45
C VAL C 268 -14.49 4.66 17.26
N VAL C 269 -14.65 3.89 16.20
CA VAL C 269 -13.70 3.77 15.16
C VAL C 269 -14.48 3.86 13.83
N LYS C 270 -13.89 4.54 12.83
CA LYS C 270 -14.38 4.54 11.44
C LYS C 270 -13.39 3.76 10.55
N LEU C 271 -13.85 2.72 9.87
CA LEU C 271 -13.05 1.95 8.93
C LEU C 271 -13.35 2.40 7.50
N VAL C 272 -12.32 2.81 6.76
CA VAL C 272 -12.50 3.41 5.43
C VAL C 272 -11.66 2.65 4.43
N ASP C 273 -12.31 2.14 3.40
CA ASP C 273 -11.57 1.44 2.39
C ASP C 273 -10.59 2.42 1.74
N SER C 274 -9.31 2.04 1.75
CA SER C 274 -8.27 2.87 1.16
C SER C 274 -8.37 3.02 -0.37
N VAL C 275 -8.99 2.05 -1.03
CA VAL C 275 -9.07 2.09 -2.50
C VAL C 275 -10.31 2.87 -2.95
N THR C 276 -11.48 2.54 -2.41
CA THR C 276 -12.74 3.22 -2.86
C THR C 276 -13.19 4.40 -1.99
N GLY C 277 -12.53 4.62 -0.86
CA GLY C 277 -13.01 5.58 0.15
C GLY C 277 -14.40 5.36 0.76
N ILE C 278 -15.01 4.19 0.55
CA ILE C 278 -16.29 3.84 1.18
C ILE C 278 -16.00 3.44 2.65
N ALA C 279 -16.92 3.78 3.55
CA ALA C 279 -16.77 3.47 4.98
C ALA C 279 -17.87 2.58 5.52
N LEU C 280 -17.58 1.94 6.64
CA LEU C 280 -18.59 1.30 7.44
C LEU C 280 -19.18 2.35 8.40
N PRO C 281 -20.38 2.09 8.96
CA PRO C 281 -20.89 3.03 9.99
C PRO C 281 -19.93 3.05 11.20
N ARG C 282 -20.12 3.98 12.15
CA ARG C 282 -19.33 3.99 13.38
C ARG C 282 -19.49 2.64 14.08
N LEU C 283 -18.37 2.08 14.55
CA LEU C 283 -18.30 0.78 15.28
C LEU C 283 -17.42 0.91 16.56
N ARG C 284 -17.81 0.25 17.64
CA ARG C 284 -16.92 0.25 18.80
C ARG C 284 -16.15 -1.06 18.80
N ILE C 285 -14.81 -0.97 18.79
CA ILE C 285 -13.97 -2.13 18.80
C ILE C 285 -13.92 -2.76 20.21
N ARG C 286 -14.07 -4.07 20.27
CA ARG C 286 -14.23 -4.84 21.52
C ARG C 286 -13.28 -6.04 21.49
N LYS C 287 -12.72 -6.41 22.64
CA LYS C 287 -11.83 -7.56 22.72
C LYS C 287 -12.71 -8.82 22.75
N VAL C 288 -12.27 -9.87 22.04
CA VAL C 288 -12.97 -11.12 22.17
C VAL C 288 -12.11 -12.24 22.68
N ASP C 289 -12.78 -13.10 23.44
CA ASP C 289 -12.31 -14.42 23.82
C ASP C 289 -13.38 -15.50 23.55
N LYS C 290 -13.06 -16.43 22.65
CA LYS C 290 -13.79 -17.71 22.57
C LYS C 290 -15.35 -17.65 22.47
N GLN C 291 -15.77 -16.88 21.46
CA GLN C 291 -17.17 -16.59 21.07
C GLN C 291 -17.90 -15.70 22.06
N GLN C 292 -17.12 -15.11 22.98
CA GLN C 292 -17.62 -14.04 23.86
C GLN C 292 -16.87 -12.68 23.74
N VAL C 293 -17.66 -11.62 23.74
CA VAL C 293 -17.20 -10.24 23.68
C VAL C 293 -16.99 -9.80 25.13
N ILE C 294 -15.76 -9.39 25.47
CA ILE C 294 -15.49 -8.98 26.84
C ILE C 294 -15.60 -7.47 27.00
N LEU C 295 -16.62 -7.09 27.78
CA LEU C 295 -17.09 -5.73 27.84
C LEU C 295 -16.58 -5.03 29.10
N ASP C 296 -15.81 -5.78 29.90
CA ASP C 296 -15.26 -5.34 31.19
C ASP C 296 -14.63 -3.95 31.20
N ALA C 297 -14.95 -3.22 32.27
CA ALA C 297 -14.43 -1.89 32.56
C ALA C 297 -12.92 -1.88 32.86
N SER C 298 -12.14 -2.59 32.04
CA SER C 298 -10.72 -2.82 32.30
C SER C 298 -9.95 -3.09 31.00
N CYS C 299 -10.63 -3.68 30.01
CA CYS C 299 -10.07 -3.89 28.67
C CYS C 299 -9.95 -2.56 27.93
N SER C 300 -10.73 -1.56 28.33
CA SER C 300 -10.53 -0.21 27.81
C SER C 300 -9.14 0.34 28.17
N GLU C 301 -8.53 -0.21 29.23
CA GLU C 301 -7.13 0.11 29.59
C GLU C 301 -6.13 -0.42 28.54
N GLU C 302 -6.55 -1.44 27.79
CA GLU C 302 -5.69 -2.16 26.84
C GLU C 302 -5.76 -1.61 25.39
N PRO C 303 -4.59 -1.29 24.80
CA PRO C 303 -4.54 -0.87 23.38
C PRO C 303 -4.65 -2.04 22.43
N VAL C 304 -5.31 -1.82 21.30
CA VAL C 304 -5.44 -2.89 20.33
C VAL C 304 -4.04 -3.19 19.77
N SER C 305 -3.71 -4.46 19.64
CA SER C 305 -2.38 -4.86 19.22
C SER C 305 -2.46 -5.86 18.06
N GLN C 306 -1.31 -6.14 17.45
CA GLN C 306 -1.23 -6.97 16.25
C GLN C 306 -1.71 -8.37 16.52
N LEU C 307 -2.57 -8.84 15.61
CA LEU C 307 -3.03 -10.23 15.60
C LEU C 307 -3.92 -10.56 16.82
N HIS C 308 -4.56 -9.54 17.36
CA HIS C 308 -5.58 -9.70 18.38
C HIS C 308 -6.91 -9.98 17.72
N LYS C 309 -7.74 -10.73 18.41
CA LYS C 309 -9.07 -11.02 17.95
C LYS C 309 -10.01 -9.96 18.53
N CYS C 310 -10.91 -9.42 17.70
CA CYS C 310 -11.85 -8.42 18.16
C CYS C 310 -13.23 -8.49 17.52
N ALA C 311 -14.15 -7.69 18.02
CA ALA C 311 -15.48 -7.63 17.46
C ALA C 311 -15.85 -6.16 17.29
N PHE C 312 -16.83 -5.88 16.48
CA PHE C 312 -17.17 -4.50 16.19
C PHE C 312 -18.62 -4.32 16.49
N GLN C 313 -18.96 -3.55 17.53
CA GLN C 313 -20.37 -3.29 17.79
C GLN C 313 -20.89 -1.99 17.21
N MET C 314 -22.13 -2.07 16.72
CA MET C 314 -22.91 -0.93 16.26
C MET C 314 -23.17 0.02 17.42
N ILE C 315 -23.02 1.32 17.16
CA ILE C 315 -23.19 2.37 18.19
C ILE C 315 -24.61 2.54 18.69
N ASP C 316 -25.59 2.28 17.81
CA ASP C 316 -27.05 2.37 18.08
C ASP C 316 -27.57 1.23 18.98
N ASN C 317 -27.15 0.02 18.66
CA ASN C 317 -27.57 -1.18 19.41
C ASN C 317 -26.32 -1.96 19.85
N GLU C 318 -26.12 -2.00 21.16
CA GLU C 318 -24.94 -2.58 21.82
C GLU C 318 -24.86 -4.10 21.63
N LEU C 319 -26.01 -4.70 21.30
CA LEU C 319 -26.10 -6.14 21.04
C LEU C 319 -25.87 -6.55 19.57
N VAL C 320 -25.64 -5.60 18.68
CA VAL C 320 -25.48 -5.93 17.27
C VAL C 320 -23.99 -5.81 16.85
N TYR C 321 -23.48 -6.80 16.13
CA TYR C 321 -22.07 -6.84 15.73
C TYR C 321 -21.89 -7.11 14.25
N LEU C 322 -20.77 -6.64 13.72
CA LEU C 322 -20.36 -6.93 12.35
C LEU C 322 -19.90 -8.39 12.29
N CYS C 323 -20.44 -9.08 11.31
CA CYS C 323 -20.44 -10.51 11.30
C CYS C 323 -20.36 -11.05 9.86
N LEU C 324 -19.73 -12.19 9.70
CA LEU C 324 -19.58 -12.81 8.41
C LEU C 324 -20.46 -14.05 8.32
N SER C 325 -21.30 -14.09 7.28
CA SER C 325 -22.08 -15.27 6.97
C SER C 325 -21.88 -15.60 5.48
N HIS C 326 -21.21 -16.71 5.23
CA HIS C 326 -20.91 -17.17 3.86
C HIS C 326 -20.37 -16.09 2.91
N ASP C 327 -19.31 -15.42 3.32
CA ASP C 327 -18.68 -14.36 2.54
C ASP C 327 -19.52 -13.07 2.34
N LYS C 328 -20.64 -13.03 3.07
CA LYS C 328 -21.54 -11.88 3.15
C LYS C 328 -21.35 -11.17 4.50
N ILE C 329 -21.24 -9.85 4.46
CA ILE C 329 -21.10 -9.09 5.69
C ILE C 329 -22.46 -8.68 6.21
N ILE C 330 -22.74 -9.03 7.48
CA ILE C 330 -24.03 -8.74 8.06
C ILE C 330 -23.96 -8.13 9.46
N GLN C 331 -25.11 -7.57 9.88
CA GLN C 331 -25.41 -7.19 11.25
C GLN C 331 -26.04 -8.43 11.90
N HIS C 332 -25.41 -8.92 12.97
CA HIS C 332 -25.94 -10.07 13.75
C HIS C 332 -26.13 -9.68 15.22
N GLN C 333 -27.29 -9.98 15.77
CA GLN C 333 -27.55 -9.65 17.16
C GLN C 333 -27.05 -10.70 18.18
N ALA C 334 -26.25 -10.25 19.15
CA ALA C 334 -25.66 -11.11 20.16
C ALA C 334 -26.74 -11.47 21.16
N THR C 335 -26.43 -12.42 22.05
CA THR C 335 -27.29 -12.71 23.20
C THR C 335 -26.55 -12.31 24.49
N ALA C 336 -27.13 -11.42 25.29
CA ALA C 336 -26.53 -11.00 26.55
C ALA C 336 -26.25 -12.18 27.54
N ILE C 337 -24.99 -12.35 27.92
CA ILE C 337 -24.62 -13.20 29.06
C ILE C 337 -24.94 -12.41 30.35
N ASN C 338 -24.14 -11.39 30.62
CA ASN C 338 -24.38 -10.42 31.69
C ASN C 338 -23.94 -9.04 31.20
N GLU C 339 -23.70 -8.13 32.14
CA GLU C 339 -23.27 -6.76 31.86
C GLU C 339 -21.81 -6.64 31.34
N HIS C 340 -20.95 -7.60 31.72
CA HIS C 340 -19.55 -7.65 31.31
C HIS C 340 -19.30 -8.50 30.05
N ARG C 341 -20.30 -9.17 29.52
CA ARG C 341 -20.10 -10.21 28.49
C ARG C 341 -21.32 -10.41 27.57
N HIS C 342 -21.05 -10.65 26.29
CA HIS C 342 -22.08 -10.94 25.28
C HIS C 342 -21.72 -12.25 24.56
N GLN C 343 -22.74 -13.05 24.23
CA GLN C 343 -22.58 -14.30 23.46
C GLN C 343 -22.78 -14.01 21.96
N ILE C 344 -21.76 -14.34 21.17
CA ILE C 344 -21.71 -14.16 19.72
C ILE C 344 -21.38 -15.53 19.05
N ASN C 345 -20.83 -15.54 17.85
CA ASN C 345 -20.31 -16.80 17.31
C ASN C 345 -19.01 -16.51 16.61
N ASP C 346 -18.28 -17.54 16.18
CA ASP C 346 -16.95 -17.31 15.59
C ASP C 346 -17.05 -16.43 14.30
N GLY C 347 -18.28 -16.12 13.86
CA GLY C 347 -18.49 -15.30 12.65
C GLY C 347 -18.34 -13.80 12.89
N ALA C 348 -18.48 -13.38 14.14
CA ALA C 348 -18.36 -12.00 14.55
C ALA C 348 -16.98 -11.67 15.12
N ALA C 349 -16.03 -12.60 15.02
CA ALA C 349 -14.71 -12.44 15.61
C ALA C 349 -13.68 -12.23 14.50
N TRP C 350 -12.93 -11.13 14.59
CA TRP C 350 -12.01 -10.75 13.50
C TRP C 350 -10.64 -10.64 14.07
N THR C 351 -9.65 -11.09 13.34
CA THR C 351 -8.28 -10.77 13.69
C THR C 351 -7.88 -9.50 12.95
N ILE C 352 -7.19 -8.63 13.67
CA ILE C 352 -6.74 -7.33 13.13
C ILE C 352 -5.21 -7.33 13.08
N ILE C 353 -4.68 -6.75 12.00
CA ILE C 353 -3.26 -6.54 11.85
C ILE C 353 -2.97 -5.29 10.98
N SER C 354 -1.91 -4.55 11.32
CA SER C 354 -1.45 -3.40 10.52
C SER C 354 -0.80 -3.82 9.22
N THR C 355 -1.10 -3.05 8.18
CA THR C 355 -0.59 -3.35 6.83
C THR C 355 0.21 -2.18 6.25
N ASP C 356 1.02 -2.50 5.23
CA ASP C 356 1.86 -1.51 4.61
C ASP C 356 1.75 -1.69 3.09
N LYS C 357 2.45 -0.83 2.35
CA LYS C 357 2.41 -0.79 0.88
C LYS C 357 3.73 -0.22 0.26
N ALA C 358 4.27 -0.94 -0.72
CA ALA C 358 5.42 -0.44 -1.46
C ALA C 358 4.95 -0.25 -2.90
N GLU C 359 5.11 0.96 -3.43
CA GLU C 359 4.60 1.27 -4.76
C GLU C 359 5.73 1.77 -5.64
N TYR C 360 5.76 1.29 -6.88
CA TYR C 360 6.74 1.70 -7.85
C TYR C 360 6.04 2.05 -9.15
N ARG C 361 6.51 3.10 -9.82
CA ARG C 361 6.00 3.55 -11.11
C ARG C 361 7.16 3.73 -12.09
N PHE C 362 6.94 3.28 -13.32
CA PHE C 362 7.91 3.48 -14.42
C PHE C 362 7.22 3.55 -15.78
N PHE C 363 7.89 4.16 -16.75
CA PHE C 363 7.47 4.14 -18.17
C PHE C 363 8.71 4.07 -19.04
N GLU C 364 8.73 3.13 -19.97
CA GLU C 364 9.83 3.10 -20.94
C GLU C 364 9.50 4.04 -22.12
N ALA C 365 9.79 5.33 -21.90
CA ALA C 365 9.39 6.45 -22.77
C ALA C 365 9.97 6.45 -24.19
N MET C 366 11.15 5.87 -24.32
CA MET C 366 11.85 5.81 -25.57
C MET C 366 11.83 4.40 -26.12
N GLY C 367 10.79 3.64 -25.80
CA GLY C 367 10.69 2.28 -26.33
C GLY C 367 11.21 1.25 -25.36
N GLN C 368 10.91 0.00 -25.67
CA GLN C 368 11.31 -1.16 -24.86
C GLN C 368 12.82 -1.15 -24.60
N VAL C 369 13.21 -1.40 -23.35
CA VAL C 369 14.64 -1.41 -23.00
C VAL C 369 15.25 -2.81 -22.82
N ALA C 370 16.56 -2.91 -22.99
CA ALA C 370 17.24 -4.19 -22.95
C ALA C 370 17.49 -4.68 -21.53
N ASN C 371 17.65 -3.76 -20.58
CA ASN C 371 17.94 -4.09 -19.18
C ASN C 371 16.71 -4.06 -18.25
N PRO C 372 16.76 -4.82 -17.13
CA PRO C 372 15.69 -4.76 -16.12
C PRO C 372 15.37 -3.32 -15.72
N ILE C 373 14.08 -3.05 -15.54
CA ILE C 373 13.58 -1.75 -15.09
C ILE C 373 14.07 -1.39 -13.67
N SER C 374 14.46 -2.40 -12.90
CA SER C 374 14.93 -2.23 -11.53
C SER C 374 16.45 -2.17 -11.48
N PRO C 375 17.04 -1.62 -10.39
CA PRO C 375 16.45 -0.99 -9.18
C PRO C 375 15.70 0.30 -9.47
N CYS C 376 14.46 0.35 -9.05
CA CYS C 376 13.63 1.55 -9.17
C CYS C 376 13.99 2.60 -8.11
N PRO C 377 14.44 3.82 -8.52
CA PRO C 377 14.80 4.78 -7.48
C PRO C 377 13.58 5.22 -6.67
N VAL C 378 13.80 5.53 -5.40
CA VAL C 378 12.69 6.06 -4.62
C VAL C 378 13.11 7.39 -4.06
N VAL C 379 12.27 8.42 -4.19
CA VAL C 379 12.61 9.77 -3.67
C VAL C 379 11.79 10.04 -2.40
N GLY C 380 12.46 10.19 -1.26
CA GLY C 380 11.75 10.43 -0.02
C GLY C 380 11.48 11.92 0.20
N SER C 381 12.42 12.77 -0.18
CA SER C 381 12.26 14.20 0.03
C SER C 381 13.17 15.03 -0.85
N LEU C 382 12.80 16.30 -1.01
CA LEU C 382 13.63 17.32 -1.66
C LEU C 382 14.08 18.34 -0.63
N GLU C 383 15.37 18.65 -0.60
CA GLU C 383 15.88 19.68 0.28
C GLU C 383 16.43 20.82 -0.55
N VAL C 384 15.74 21.96 -0.51
CA VAL C 384 16.12 23.09 -1.33
C VAL C 384 16.88 24.12 -0.51
N ASP C 385 17.79 24.80 -1.16
CA ASP C 385 18.60 25.81 -0.51
C ASP C 385 18.77 27.00 -1.45
N GLY C 386 18.97 28.19 -0.87
CA GLY C 386 19.38 29.38 -1.62
C GLY C 386 18.25 29.99 -2.43
N HIS C 387 18.48 31.18 -2.96
CA HIS C 387 17.49 31.84 -3.81
C HIS C 387 18.17 32.31 -5.09
N GLY C 388 17.40 32.43 -6.16
CA GLY C 388 17.93 32.93 -7.43
C GLY C 388 18.79 31.91 -8.17
N GLU C 389 19.94 32.35 -8.68
CA GLU C 389 20.83 31.46 -9.42
C GLU C 389 21.68 30.61 -8.47
N ALA C 390 21.51 30.85 -7.16
CA ALA C 390 22.26 30.11 -6.15
C ALA C 390 21.51 28.84 -5.82
N SER C 391 20.21 28.84 -6.13
CA SER C 391 19.29 27.83 -5.62
C SER C 391 19.57 26.42 -6.12
N ARG C 392 19.58 25.48 -5.20
CA ARG C 392 19.89 24.08 -5.51
C ARG C 392 18.94 23.14 -4.78
N VAL C 393 18.96 21.87 -5.19
CA VAL C 393 18.15 20.87 -4.49
C VAL C 393 18.93 19.57 -4.27
N GLU C 394 18.84 19.05 -3.05
CA GLU C 394 19.33 17.71 -2.74
C GLU C 394 18.15 16.74 -2.70
N LEU C 395 18.21 15.67 -3.49
CA LEU C 395 17.16 14.66 -3.41
C LEU C 395 17.58 13.59 -2.41
N HIS C 396 16.68 13.30 -1.48
CA HIS C 396 16.93 12.25 -0.50
C HIS C 396 16.07 11.06 -0.82
N GLY C 397 16.65 9.86 -0.74
CA GLY C 397 15.84 8.68 -1.08
C GLY C 397 16.66 7.41 -1.06
N ARG C 398 16.38 6.49 -1.97
CA ARG C 398 16.96 5.19 -1.88
C ARG C 398 17.10 4.61 -3.26
N ASP C 399 18.15 3.81 -3.47
CA ASP C 399 18.35 3.07 -4.72
C ASP C 399 18.71 3.94 -5.95
N PHE C 400 19.37 5.08 -5.72
CA PHE C 400 19.90 5.88 -6.78
C PHE C 400 21.10 5.21 -7.44
N LYS C 401 21.32 5.55 -8.71
CA LYS C 401 22.47 5.09 -9.48
C LYS C 401 22.95 6.28 -10.29
N PRO C 402 24.22 6.27 -10.74
CA PRO C 402 24.72 7.38 -11.55
C PRO C 402 24.16 7.40 -12.97
N ASN C 403 23.24 6.51 -13.31
CA ASN C 403 22.70 6.50 -14.67
C ASN C 403 21.38 7.31 -14.79
N LEU C 404 21.07 8.07 -13.72
CA LEU C 404 19.81 8.82 -13.59
C LEU C 404 20.03 10.33 -13.74
N LYS C 405 19.03 11.02 -14.28
CA LYS C 405 19.08 12.46 -14.40
C LYS C 405 17.75 13.02 -13.89
N VAL C 406 17.77 14.08 -13.09
CA VAL C 406 16.50 14.69 -12.68
C VAL C 406 15.92 15.63 -13.74
N TRP C 407 14.61 15.50 -13.93
CA TRP C 407 13.87 16.39 -14.77
C TRP C 407 12.91 17.17 -13.91
N PHE C 408 12.98 18.49 -14.05
CA PHE C 408 11.97 19.43 -13.55
C PHE C 408 10.97 19.65 -14.68
N GLY C 409 9.78 19.07 -14.54
CA GLY C 409 8.83 18.99 -15.63
C GLY C 409 9.43 18.31 -16.85
N ALA C 410 9.46 19.02 -17.99
CA ALA C 410 10.08 18.53 -19.24
C ALA C 410 11.51 19.08 -19.51
N THR C 411 12.16 19.56 -18.44
CA THR C 411 13.46 20.20 -18.51
C THR C 411 14.52 19.35 -17.78
N PRO C 412 15.44 18.68 -18.54
CA PRO C 412 16.49 17.90 -17.91
C PRO C 412 17.54 18.80 -17.28
N VAL C 413 18.15 18.37 -16.18
CA VAL C 413 19.08 19.20 -15.43
C VAL C 413 20.30 18.35 -15.03
N GLU C 414 21.48 18.92 -15.25
CA GLU C 414 22.74 18.31 -14.84
C GLU C 414 22.65 17.76 -13.40
N THR C 415 23.01 16.50 -13.20
CA THR C 415 22.76 15.82 -11.91
C THR C 415 24.01 15.19 -11.31
N THR C 416 24.30 15.55 -10.04
CA THR C 416 25.45 14.97 -9.33
C THR C 416 24.98 13.75 -8.56
N PHE C 417 25.58 12.59 -8.86
CA PHE C 417 25.41 11.39 -8.04
C PHE C 417 26.35 11.46 -6.85
N ARG C 418 25.84 11.56 -5.62
CA ARG C 418 26.71 11.52 -4.44
C ARG C 418 26.76 10.10 -3.85
N SER C 419 25.60 9.47 -3.73
CA SER C 419 25.52 8.12 -3.17
C SER C 419 24.19 7.52 -3.60
N GLU C 420 23.85 6.31 -3.15
CA GLU C 420 22.56 5.71 -3.53
C GLU C 420 21.37 6.32 -2.80
N GLU C 421 21.64 7.22 -1.86
CA GLU C 421 20.57 7.94 -1.16
C GLU C 421 20.62 9.48 -1.36
N SER C 422 21.49 9.94 -2.25
CA SER C 422 21.67 11.37 -2.48
C SER C 422 22.02 11.74 -3.92
N LEU C 423 21.15 12.54 -4.52
CA LEU C 423 21.42 13.19 -5.79
C LEU C 423 21.39 14.69 -5.55
N HIS C 424 22.16 15.44 -6.35
CA HIS C 424 22.21 16.89 -6.23
C HIS C 424 22.12 17.61 -7.60
N CYS C 425 21.34 18.69 -7.66
CA CYS C 425 21.27 19.52 -8.88
C CYS C 425 20.91 20.98 -8.63
N SER C 426 21.03 21.79 -9.68
CA SER C 426 20.60 23.18 -9.65
C SER C 426 19.13 23.27 -10.04
N ILE C 427 18.43 24.25 -9.48
CA ILE C 427 17.04 24.48 -9.87
C ILE C 427 17.02 25.35 -11.16
N PRO C 428 16.47 24.83 -12.25
CA PRO C 428 16.51 25.65 -13.46
C PRO C 428 15.61 26.88 -13.34
N PRO C 429 15.94 27.97 -14.06
CA PRO C 429 15.17 29.22 -13.94
C PRO C 429 13.74 29.00 -14.42
N VAL C 430 12.76 29.64 -13.76
CA VAL C 430 11.35 29.47 -14.15
C VAL C 430 11.17 29.55 -15.66
N SER C 431 11.88 30.49 -16.29
CA SER C 431 11.71 30.82 -17.70
C SER C 431 12.03 29.66 -18.63
N GLN C 432 12.95 28.81 -18.21
CA GLN C 432 13.24 27.65 -19.03
C GLN C 432 12.37 26.42 -18.68
N VAL C 433 11.78 26.39 -17.48
CA VAL C 433 10.92 25.25 -17.11
C VAL C 433 9.47 25.42 -17.60
N ARG C 434 8.95 26.63 -17.56
CA ARG C 434 7.63 26.90 -18.09
C ARG C 434 7.77 27.82 -19.29
N ASN C 435 7.33 27.33 -20.46
CA ASN C 435 7.33 28.09 -21.71
C ASN C 435 5.93 28.08 -22.34
N GLU C 436 5.82 28.62 -23.55
CA GLU C 436 4.52 28.76 -24.21
C GLU C 436 3.83 27.42 -24.51
N GLN C 437 4.63 26.35 -24.68
CA GLN C 437 4.14 24.95 -24.73
C GLN C 437 3.68 24.34 -23.40
N THR C 438 4.35 24.67 -22.29
CA THR C 438 4.14 23.99 -21.02
C THR C 438 3.38 24.83 -19.99
N HIS C 439 3.12 26.09 -20.32
CA HIS C 439 2.48 27.01 -19.40
C HIS C 439 1.22 26.42 -18.77
N TRP C 440 0.37 25.79 -19.59
CA TRP C 440 -0.88 25.20 -19.14
C TRP C 440 -0.68 24.13 -18.07
N MET C 441 0.46 23.43 -18.07
CA MET C 441 0.63 22.30 -17.20
C MET C 441 1.27 22.63 -15.86
N PHE C 442 2.08 23.69 -15.86
CA PHE C 442 2.94 24.02 -14.72
C PHE C 442 2.51 25.29 -13.97
N THR C 443 1.32 25.79 -14.25
CA THR C 443 0.83 27.03 -13.66
C THR C 443 -0.36 26.75 -12.75
N ASN C 444 -0.21 27.12 -11.48
CA ASN C 444 -1.31 26.99 -10.51
C ASN C 444 -2.25 28.10 -10.87
N ARG C 445 -3.50 27.79 -11.19
CA ARG C 445 -4.38 28.88 -11.65
CA ARG C 445 -4.47 28.80 -11.65
C ARG C 445 -5.00 29.69 -10.51
N THR C 446 -4.99 29.16 -9.29
CA THR C 446 -5.42 29.96 -8.12
C THR C 446 -4.42 31.02 -7.65
N THR C 447 -3.18 30.61 -7.40
CA THR C 447 -2.15 31.45 -6.78
C THR C 447 -1.17 32.04 -7.79
N GLY C 448 -1.13 31.47 -9.00
CA GLY C 448 -0.14 31.84 -10.02
C GLY C 448 1.23 31.20 -9.91
N ASP C 449 1.49 30.40 -8.86
CA ASP C 449 2.81 29.78 -8.66
C ASP C 449 3.14 28.77 -9.79
N VAL C 450 4.42 28.58 -10.05
CA VAL C 450 4.91 27.56 -10.97
C VAL C 450 5.22 26.27 -10.21
N GLU C 451 4.52 25.19 -10.56
CA GLU C 451 4.66 23.91 -9.90
C GLU C 451 4.99 22.87 -10.98
N VAL C 452 6.09 22.15 -10.80
CA VAL C 452 6.53 21.13 -11.78
C VAL C 452 6.74 19.79 -11.10
N PRO C 453 6.35 18.69 -11.76
CA PRO C 453 6.63 17.40 -11.13
C PRO C 453 8.09 17.01 -11.32
N ILE C 454 8.68 16.33 -10.34
CA ILE C 454 10.06 15.88 -10.41
C ILE C 454 10.10 14.41 -10.89
N SER C 455 10.84 14.15 -11.96
CA SER C 455 11.03 12.77 -12.41
C SER C 455 12.49 12.43 -12.40
N LEU C 456 12.76 11.14 -12.27
CA LEU C 456 14.12 10.61 -12.45
C LEU C 456 14.13 9.82 -13.72
N VAL C 457 15.11 10.10 -14.57
CA VAL C 457 15.07 9.53 -15.90
C VAL C 457 16.40 8.82 -16.10
N ARG C 458 16.30 7.57 -16.52
CA ARG C 458 17.46 6.77 -16.84
C ARG C 458 17.94 7.01 -18.25
N ASP C 459 19.21 6.70 -18.50
CA ASP C 459 19.83 7.09 -19.76
C ASP C 459 19.32 6.28 -20.96
N ASP C 460 18.65 5.16 -20.67
CA ASP C 460 17.94 4.39 -21.71
C ASP C 460 16.45 4.75 -21.78
N GLY C 461 16.04 5.84 -21.14
CA GLY C 461 14.69 6.35 -21.38
C GLY C 461 13.57 6.00 -20.43
N VAL C 462 13.86 5.19 -19.41
CA VAL C 462 12.88 4.88 -18.35
C VAL C 462 12.70 6.12 -17.48
N VAL C 463 11.46 6.58 -17.42
CA VAL C 463 11.05 7.65 -16.55
C VAL C 463 10.42 7.07 -15.25
N TYR C 464 10.89 7.58 -14.13
CA TYR C 464 10.37 7.22 -12.80
C TYR C 464 9.73 8.46 -12.15
N SER C 465 8.41 8.55 -12.17
CA SER C 465 7.78 9.66 -11.49
C SER C 465 8.16 9.59 -10.01
N SER C 466 8.60 10.69 -9.42
CA SER C 466 8.97 10.67 -8.04
C SER C 466 7.78 10.69 -7.05
N GLY C 467 6.61 11.19 -7.49
CA GLY C 467 5.52 11.51 -6.55
C GLY C 467 5.57 12.93 -5.99
N LEU C 468 6.69 13.62 -6.23
CA LEU C 468 6.95 14.91 -5.64
C LEU C 468 6.82 16.01 -6.70
N THR C 469 6.41 17.19 -6.23
CA THR C 469 6.28 18.42 -7.01
C THR C 469 7.20 19.51 -6.42
N PHE C 470 7.99 20.15 -7.27
CA PHE C 470 8.70 21.34 -6.87
C PHE C 470 7.89 22.61 -7.14
N SER C 471 7.74 23.46 -6.13
CA SER C 471 7.05 24.72 -6.31
C SER C 471 8.04 25.88 -6.24
N TYR C 472 7.97 26.79 -7.21
CA TYR C 472 8.88 27.93 -7.21
C TYR C 472 8.57 28.91 -6.09
N LYS C 473 7.38 28.81 -5.52
CA LYS C 473 7.04 29.60 -4.33
C LYS C 473 7.91 29.27 -3.09
N SER C 474 8.53 28.08 -3.08
CA SER C 474 9.74 27.85 -2.27
C SER C 474 10.68 28.97 -2.63
N LEU C 475 11.94 28.88 -2.26
CA LEU C 475 12.89 29.88 -2.75
C LEU C 475 12.61 31.31 -2.21
N ARG D 9 -6.72 16.76 14.43
CA ARG D 9 -8.17 16.86 14.09
C ARG D 9 -8.38 17.23 12.62
N ARG D 10 -8.68 16.20 11.83
CA ARG D 10 -8.91 16.33 10.40
C ARG D 10 -10.38 16.05 10.12
N MET D 11 -10.82 16.43 8.93
CA MET D 11 -12.12 16.04 8.43
C MET D 11 -11.90 14.98 7.38
N ILE D 12 -12.76 13.96 7.39
CA ILE D 12 -12.74 12.95 6.36
C ILE D 12 -14.12 12.91 5.76
N ASN D 13 -14.18 12.59 4.47
CA ASN D 13 -15.44 12.42 3.75
C ASN D 13 -15.39 11.01 3.18
N ALA D 14 -16.45 10.25 3.45
CA ALA D 14 -16.55 8.84 3.09
C ALA D 14 -18.02 8.48 3.14
N SER D 15 -18.59 8.00 2.03
CA SER D 15 -20.00 7.63 2.01
C SER D 15 -20.06 6.32 2.80
N VAL D 16 -21.16 6.07 3.51
CA VAL D 16 -21.26 4.85 4.32
C VAL D 16 -22.07 3.74 3.68
N TRP D 17 -21.52 2.54 3.75
CA TRP D 17 -22.21 1.30 3.38
C TRP D 17 -22.74 0.60 4.64
N MET D 18 -24.05 0.40 4.68
CA MET D 18 -24.73 -0.23 5.81
C MET D 18 -24.83 -1.75 5.63
N PRO D 19 -24.29 -2.51 6.58
CA PRO D 19 -24.51 -3.96 6.60
C PRO D 19 -26.00 -4.27 6.73
N PRO D 20 -26.52 -5.16 5.87
CA PRO D 20 -27.93 -5.52 5.90
C PRO D 20 -28.25 -6.28 7.17
N MET D 21 -29.45 -6.07 7.71
CA MET D 21 -29.82 -6.80 8.92
C MET D 21 -30.07 -8.25 8.56
N GLU D 22 -29.87 -9.10 9.56
CA GLU D 22 -29.82 -10.57 9.45
C GLU D 22 -30.97 -11.27 8.70
N ASN D 23 -32.16 -11.43 9.45
CA ASN D 23 -33.32 -12.10 8.80
C ASN D 23 -33.70 -11.52 7.43
C1 EDO E . 11.52 -12.02 17.47
O1 EDO E . 11.33 -12.71 18.71
C2 EDO E . 13.03 -11.79 17.22
O2 EDO E . 13.49 -12.45 16.02
C1 EDO F . -5.21 -3.43 -1.34
O1 EDO F . -6.05 -2.55 -0.57
C2 EDO F . -4.59 -4.49 -0.43
O2 EDO F . -4.83 -5.78 -1.00
C1 EDO G . -2.25 23.21 -11.71
O1 EDO G . -0.83 23.18 -11.41
C2 EDO G . -3.04 23.65 -10.47
O2 EDO G . -4.07 24.63 -10.76
C1 EDO H . 5.35 7.63 -6.83
O1 EDO H . 5.91 7.68 -8.15
C2 EDO H . 4.97 6.18 -6.49
O2 EDO H . 6.14 5.40 -6.69
C1 EDO I . 7.32 3.41 -2.20
O1 EDO I . 6.08 2.92 -1.69
C2 EDO I . 8.35 2.29 -2.25
O2 EDO I . 9.05 2.34 -1.02
C1 EDO J . 1.95 -19.29 -3.54
O1 EDO J . 0.66 -18.66 -3.33
C2 EDO J . 3.16 -18.50 -2.98
O2 EDO J . 3.16 -18.24 -1.54
C1 EDO K . 13.42 -16.96 -14.96
O1 EDO K . 12.93 -18.01 -14.11
C2 EDO K . 12.76 -17.04 -16.34
O2 EDO K . 11.37 -17.40 -16.21
C1 EDO L . 2.24 18.76 -14.16
O1 EDO L . 0.89 19.10 -13.86
C2 EDO L . 2.29 17.91 -15.41
O2 EDO L . 2.47 16.52 -15.06
C1 EDO M . -6.51 6.99 22.17
O1 EDO M . -5.83 7.96 22.96
C2 EDO M . -7.91 6.74 22.70
O2 EDO M . -8.55 7.99 22.96
C1 EDO N . -16.37 8.07 -1.84
O1 EDO N . -16.75 7.98 -0.46
C2 EDO N . -16.91 6.87 -2.63
O2 EDO N . -18.35 6.84 -2.65
#